data_7MDJ
#
_entry.id   7MDJ
#
_cell.length_a   138.409
_cell.length_b   138.409
_cell.length_c   71.160
_cell.angle_alpha   90.000
_cell.angle_beta   90.000
_cell.angle_gamma   90.000
#
_symmetry.space_group_name_H-M   'I 4'
#
loop_
_entity.id
_entity.type
_entity.pdbx_description
1 polymer 'Fab heavy chain'
2 polymer 'Fab light chain'
3 polymer 'pH-gated potassium channel KcsA'
4 non-polymer 'POTASSIUM ION'
5 water water
#
loop_
_entity_poly.entity_id
_entity_poly.type
_entity_poly.pdbx_seq_one_letter_code
_entity_poly.pdbx_strand_id
1 'polypeptide(L)'
;EISEVQLVESGGGLVQPGGSLRLSCAASGYTFTSDWIHWVRQAPGKGLEWIGEIIPSYGRANYADSVKGRFTISADTSKN
TAYLQMNSLRAEDTAVYYCARERGDGYFDYWGQGTLVTVSSASTKGPSVFPLAPSSKSTSGGTAALGCLVKDYFPEPVTV
SWNSGALTSGVHTFPAVLQSSGLYSLSSVVTVPSSSLGTQTYICNVNHKPSNTKVDKKVEPKSCDKTHT
;
A
2 'polypeptide(L)'
;SDIQMTQSPSSLSASVGDRVTITCRASQSIGTDIHWYQQKPGKAPKLLIKYASESISGVPSRFSGSRSGTDFTLTISSLQ
PEDFATYYCQQSNRWPFTFGQGTKVEIKRTVAAPSVFIFPPSDSQLKSGTASVVCLLNNFYPREAKVQWKVDNALQSGNS
QESVTEQDSKDSTYSLSSTLTLSKADYEKHKVYACEVTHQGLSSPVTKSFNRGEC
;
B
3 'polypeptide(L)'
;MAPMLSGLLARLVKLLLGRHGSALHWRAAGAATVLLVIVLLAGSYLAVLAERGAPGAQLITYPRALWWSVETATTVGYGD
LYPVTLWGRCVAVVVMVAGITSFGLVTAALATWFVGREQERRGH
;
C
#
# COMPACT_ATOMS: atom_id res chain seq x y z
N SER A 3 5.41 6.38 12.00
CA SER A 3 5.73 5.10 12.70
C SER A 3 7.24 5.01 12.95
N GLU A 4 7.73 3.89 13.49
CA GLU A 4 9.19 3.70 13.68
C GLU A 4 9.74 2.80 12.56
N VAL A 5 11.07 2.66 12.48
CA VAL A 5 11.72 1.96 11.33
C VAL A 5 11.02 2.44 10.05
N GLN A 6 10.72 3.73 9.99
CA GLN A 6 9.99 4.30 8.83
C GLN A 6 10.79 4.06 7.56
N LEU A 7 10.27 3.24 6.65
CA LEU A 7 10.86 3.14 5.30
C LEU A 7 10.53 4.42 4.53
N VAL A 8 11.55 5.20 4.19
CA VAL A 8 11.34 6.40 3.33
C VAL A 8 11.50 5.93 1.88
N GLU A 9 10.78 6.55 0.95
CA GLU A 9 10.93 6.19 -0.48
C GLU A 9 11.44 7.39 -1.26
N SER A 10 12.36 7.15 -2.20
CA SER A 10 12.91 8.22 -3.07
C SER A 10 12.75 7.81 -4.53
N GLY A 11 12.88 8.76 -5.45
CA GLY A 11 12.69 8.46 -6.88
C GLY A 11 11.24 8.49 -7.25
N GLY A 12 10.93 8.57 -8.54
CA GLY A 12 9.51 8.49 -8.95
C GLY A 12 9.07 9.70 -9.73
N GLY A 13 8.58 9.49 -10.95
CA GLY A 13 8.09 10.61 -11.77
C GLY A 13 7.65 10.16 -13.15
N LEU A 14 7.88 11.00 -14.16
CA LEU A 14 7.50 10.66 -15.56
C LEU A 14 8.67 9.95 -16.23
N VAL A 15 8.39 8.84 -16.93
CA VAL A 15 9.46 8.13 -17.67
C VAL A 15 8.98 7.88 -19.09
N GLN A 16 9.91 7.82 -20.04
CA GLN A 16 9.52 7.63 -21.46
C GLN A 16 9.13 6.16 -21.66
N PRO A 17 8.08 5.84 -22.43
CA PRO A 17 7.76 4.45 -22.72
C PRO A 17 9.08 3.78 -23.10
N GLY A 18 9.45 2.71 -22.42
CA GLY A 18 10.78 2.10 -22.63
C GLY A 18 11.97 2.69 -21.93
N GLY A 19 11.73 3.54 -20.93
CA GLY A 19 12.84 4.27 -20.28
C GLY A 19 13.30 3.64 -18.98
N SER A 20 14.10 4.39 -18.21
CA SER A 20 14.67 3.84 -16.96
C SER A 20 14.43 4.77 -15.77
N LEU A 21 14.05 4.22 -14.62
CA LEU A 21 13.87 5.04 -13.40
C LEU A 21 14.33 4.19 -12.21
N ARG A 22 15.17 4.76 -11.36
CA ARG A 22 15.65 4.02 -10.15
C ARG A 22 14.89 4.53 -8.93
N LEU A 23 14.03 3.70 -8.35
CA LEU A 23 13.30 4.08 -7.11
C LEU A 23 14.20 3.74 -5.94
N SER A 24 13.86 4.19 -4.73
CA SER A 24 14.75 3.94 -3.57
C SER A 24 13.92 3.72 -2.30
N CYS A 25 14.45 2.92 -1.37
CA CYS A 25 13.75 2.65 -0.09
C CYS A 25 14.81 2.68 1.02
N ALA A 26 14.72 3.64 1.94
CA ALA A 26 15.74 3.79 3.00
C ALA A 26 15.25 3.18 4.31
N ALA A 27 16.16 2.66 5.13
CA ALA A 27 15.76 1.97 6.38
C ALA A 27 15.22 2.96 7.40
N SER A 28 16.08 3.81 7.96
CA SER A 28 15.66 4.76 9.02
C SER A 28 15.05 4.00 10.19
N GLY A 29 15.76 3.01 10.72
CA GLY A 29 15.27 2.26 11.88
C GLY A 29 16.10 1.03 12.16
N TYR A 30 15.70 0.24 13.15
CA TYR A 30 16.44 -1.01 13.47
C TYR A 30 15.99 -2.11 12.52
N THR A 31 16.92 -2.64 11.72
CA THR A 31 16.57 -3.68 10.73
C THR A 31 17.46 -4.92 10.95
N PHE A 32 16.85 -6.08 11.18
CA PHE A 32 17.62 -7.34 11.34
C PHE A 32 18.38 -7.63 10.04
N THR A 33 19.44 -8.43 10.11
CA THR A 33 20.27 -8.62 8.89
C THR A 33 19.47 -9.41 7.83
N SER A 34 18.54 -10.25 8.31
CA SER A 34 17.84 -11.30 7.54
C SER A 34 16.60 -10.76 6.82
N ASP A 35 16.22 -9.51 7.10
CA ASP A 35 14.95 -8.90 6.60
C ASP A 35 14.98 -8.91 5.05
N TRP A 36 13.83 -9.12 4.42
CA TRP A 36 13.62 -8.93 2.96
C TRP A 36 12.97 -7.57 2.75
N ILE A 37 13.38 -6.86 1.71
CA ILE A 37 12.63 -5.68 1.20
C ILE A 37 11.87 -6.17 -0.01
N HIS A 38 10.56 -5.94 -0.02
CA HIS A 38 9.65 -6.25 -1.14
C HIS A 38 9.18 -4.96 -1.81
N TRP A 39 8.76 -5.06 -3.06
CA TRP A 39 8.22 -3.94 -3.87
C TRP A 39 6.80 -4.34 -4.29
N VAL A 40 5.84 -3.42 -4.19
CA VAL A 40 4.40 -3.70 -4.39
C VAL A 40 3.72 -2.51 -5.10
N ARG A 41 2.98 -2.85 -6.14
CA ARG A 41 2.51 -1.96 -7.21
C ARG A 41 1.01 -1.76 -6.95
N GLN A 42 0.47 -0.61 -7.33
CA GLN A 42 -0.99 -0.41 -7.41
C GLN A 42 -1.30 0.59 -8.52
N ALA A 43 -1.64 0.02 -9.68
CA ALA A 43 -2.15 0.77 -10.85
C ALA A 43 -3.39 1.50 -10.37
N PRO A 44 -3.67 2.67 -10.95
CA PRO A 44 -4.78 3.49 -10.48
C PRO A 44 -6.11 2.72 -10.49
N GLY A 45 -6.73 2.66 -9.30
CA GLY A 45 -8.07 2.07 -9.04
C GLY A 45 -8.07 0.56 -9.21
N LYS A 46 -7.00 -0.09 -8.72
CA LYS A 46 -6.76 -1.54 -8.86
C LYS A 46 -6.12 -2.06 -7.56
N GLY A 47 -5.99 -3.39 -7.46
CA GLY A 47 -5.50 -4.11 -6.28
C GLY A 47 -4.01 -3.98 -6.10
N LEU A 48 -3.49 -4.62 -5.07
CA LEU A 48 -2.03 -4.65 -4.86
C LEU A 48 -1.49 -5.84 -5.65
N GLU A 49 -0.27 -5.69 -6.17
CA GLU A 49 0.41 -6.68 -7.01
C GLU A 49 1.81 -6.82 -6.45
N TRP A 50 2.15 -8.01 -5.98
CA TRP A 50 3.51 -8.32 -5.49
C TRP A 50 4.45 -8.28 -6.68
N ILE A 51 5.68 -7.85 -6.50
CA ILE A 51 6.58 -7.56 -7.64
C ILE A 51 8.01 -8.06 -7.41
N GLY A 52 8.59 -7.92 -6.20
CA GLY A 52 9.98 -8.43 -5.99
C GLY A 52 10.50 -8.37 -4.56
N GLU A 53 11.53 -9.16 -4.26
CA GLU A 53 12.16 -9.28 -2.92
C GLU A 53 13.69 -9.30 -3.03
N ILE A 54 14.41 -8.81 -2.01
CA ILE A 54 15.89 -8.96 -1.80
C ILE A 54 16.23 -9.12 -0.31
N ILE A 55 17.17 -9.98 0.05
CA ILE A 55 17.83 -9.86 1.37
C ILE A 55 19.02 -8.93 1.18
N PRO A 56 18.95 -7.65 1.61
CA PRO A 56 20.07 -6.74 1.40
C PRO A 56 21.41 -7.41 1.68
N SER A 57 21.48 -8.24 2.71
CA SER A 57 22.78 -8.86 3.11
C SER A 57 23.37 -9.77 2.04
N TYR A 58 22.69 -10.87 1.69
CA TYR A 58 23.30 -11.88 0.79
C TYR A 58 23.10 -11.27 -0.59
N GLY A 59 22.22 -10.27 -0.66
CA GLY A 59 21.98 -9.54 -1.91
C GLY A 59 21.65 -10.49 -3.04
N ARG A 60 20.61 -11.31 -2.87
CA ARG A 60 20.00 -12.13 -3.95
C ARG A 60 18.54 -11.67 -4.05
N ALA A 61 18.02 -11.51 -5.27
CA ALA A 61 16.74 -10.86 -5.59
C ALA A 61 15.85 -11.76 -6.46
N ASN A 62 14.54 -11.81 -6.17
CA ASN A 62 13.56 -12.60 -6.94
C ASN A 62 12.46 -11.65 -7.43
N TYR A 63 11.72 -12.05 -8.45
CA TYR A 63 10.80 -11.18 -9.24
C TYR A 63 9.57 -11.98 -9.70
N ALA A 64 8.43 -11.30 -9.82
CA ALA A 64 7.18 -11.80 -10.44
C ALA A 64 7.36 -11.90 -11.96
N ASP A 65 6.55 -12.73 -12.65
CA ASP A 65 6.61 -12.97 -14.12
C ASP A 65 6.37 -11.65 -14.89
N SER A 66 5.31 -10.91 -14.54
CA SER A 66 4.96 -9.57 -15.10
C SER A 66 6.23 -8.68 -15.20
N VAL A 67 7.05 -8.67 -14.17
CA VAL A 67 8.28 -7.81 -14.08
C VAL A 67 9.47 -8.47 -14.79
N LYS A 68 9.55 -9.81 -14.80
CA LYS A 68 10.47 -10.58 -15.66
C LYS A 68 11.93 -10.15 -15.39
N GLY A 69 12.75 -10.06 -16.43
CA GLY A 69 14.04 -9.34 -16.45
C GLY A 69 13.94 -8.05 -17.25
N ARG A 70 12.87 -7.28 -17.00
CA ARG A 70 12.76 -5.84 -17.34
C ARG A 70 13.35 -5.11 -16.14
N PHE A 71 12.96 -5.51 -14.93
CA PHE A 71 13.29 -4.82 -13.66
C PHE A 71 14.38 -5.61 -12.94
N THR A 72 15.16 -4.90 -12.14
CA THR A 72 16.28 -5.44 -11.32
C THR A 72 16.18 -4.76 -9.97
N ILE A 73 16.21 -5.55 -8.91
CA ILE A 73 16.22 -5.03 -7.52
C ILE A 73 17.65 -5.15 -7.00
N SER A 74 18.14 -4.05 -6.40
CA SER A 74 19.52 -3.85 -5.90
C SER A 74 19.45 -3.34 -4.46
N ALA A 75 20.57 -3.33 -3.76
CA ALA A 75 20.64 -2.83 -2.38
C ALA A 75 22.04 -2.29 -2.08
N ASP A 76 22.13 -1.14 -1.43
CA ASP A 76 23.40 -0.58 -0.89
C ASP A 76 23.40 -0.80 0.63
N THR A 77 24.03 -1.87 1.12
CA THR A 77 24.08 -2.22 2.58
C THR A 77 24.85 -1.14 3.36
N SER A 78 25.72 -0.38 2.68
CA SER A 78 26.49 0.76 3.26
C SER A 78 25.55 1.93 3.57
N LYS A 79 24.44 2.09 2.81
CA LYS A 79 23.48 3.23 2.93
C LYS A 79 22.16 2.78 3.59
N ASN A 80 21.90 1.46 3.69
CA ASN A 80 20.62 0.85 4.18
C ASN A 80 19.46 1.30 3.26
N THR A 81 19.76 1.40 1.95
CA THR A 81 18.88 1.92 0.89
C THR A 81 18.77 0.88 -0.23
N ALA A 82 17.62 0.21 -0.34
CA ALA A 82 17.34 -0.76 -1.42
C ALA A 82 16.63 -0.03 -2.57
N TYR A 83 16.98 -0.36 -3.81
CA TYR A 83 16.53 0.32 -5.06
C TYR A 83 15.76 -0.66 -5.97
N LEU A 84 14.94 -0.12 -6.86
CA LEU A 84 14.30 -0.87 -7.97
C LEU A 84 14.64 -0.23 -9.31
N GLN A 85 15.46 -0.87 -10.16
CA GLN A 85 15.84 -0.34 -11.49
C GLN A 85 14.85 -0.83 -12.54
N MET A 86 14.09 0.10 -13.13
CA MET A 86 13.06 -0.20 -14.15
C MET A 86 13.58 0.11 -15.57
N ASN A 87 13.53 -0.89 -16.46
CA ASN A 87 13.73 -0.77 -17.93
C ASN A 87 12.45 -1.23 -18.62
N SER A 88 12.39 -1.12 -19.95
CA SER A 88 11.33 -1.72 -20.81
C SER A 88 9.98 -1.02 -20.58
N LEU A 89 9.93 0.03 -19.75
CA LEU A 89 8.67 0.50 -19.12
C LEU A 89 7.55 0.60 -20.18
N ARG A 90 6.46 -0.17 -19.99
CA ARG A 90 5.17 -0.08 -20.74
C ARG A 90 4.25 0.87 -19.97
N ALA A 91 3.02 1.06 -20.44
CA ALA A 91 1.96 1.83 -19.74
C ALA A 91 1.46 1.01 -18.55
N GLU A 92 1.37 -0.32 -18.69
CA GLU A 92 1.10 -1.29 -17.57
C GLU A 92 1.82 -0.80 -16.30
N ASP A 93 3.13 -0.59 -16.39
CA ASP A 93 4.02 -0.20 -15.25
C ASP A 93 3.58 1.13 -14.62
N THR A 94 2.57 1.81 -15.17
CA THR A 94 2.04 3.07 -14.57
C THR A 94 1.23 2.71 -13.32
N ALA A 95 1.72 3.18 -12.16
CA ALA A 95 1.21 2.82 -10.82
C ALA A 95 2.03 3.50 -9.73
N VAL A 96 1.50 3.48 -8.51
CA VAL A 96 2.23 3.76 -7.25
C VAL A 96 3.08 2.53 -6.94
N TYR A 97 4.33 2.72 -6.53
CA TYR A 97 5.20 1.64 -6.03
C TYR A 97 5.47 1.88 -4.54
N TYR A 98 5.03 0.94 -3.69
CA TYR A 98 5.35 0.82 -2.25
C TYR A 98 6.48 -0.20 -2.13
N CYS A 99 7.54 0.15 -1.42
CA CYS A 99 8.46 -0.84 -0.79
C CYS A 99 7.85 -1.22 0.56
N ALA A 100 8.32 -2.32 1.16
CA ALA A 100 7.79 -2.87 2.44
C ALA A 100 8.76 -3.91 3.02
N ARG A 101 8.84 -3.97 4.36
CA ARG A 101 9.79 -4.86 5.09
C ARG A 101 9.04 -6.14 5.48
N GLU A 102 9.69 -7.29 5.31
CA GLU A 102 9.18 -8.60 5.74
C GLU A 102 10.34 -9.28 6.47
N ARG A 103 10.06 -9.88 7.63
CA ARG A 103 11.09 -10.41 8.55
C ARG A 103 11.42 -11.86 8.19
N GLY A 104 10.82 -12.40 7.13
CA GLY A 104 11.00 -13.81 6.70
C GLY A 104 9.89 -14.69 7.24
N ASP A 105 8.83 -14.06 7.76
CA ASP A 105 7.65 -14.79 8.31
C ASP A 105 6.58 -14.82 7.23
N GLY A 106 6.48 -13.77 6.42
CA GLY A 106 5.55 -13.83 5.29
C GLY A 106 4.46 -12.79 5.37
N TYR A 107 4.76 -11.65 5.97
CA TYR A 107 3.85 -10.48 6.04
C TYR A 107 4.69 -9.21 6.22
N PHE A 108 4.07 -8.05 5.91
CA PHE A 108 4.72 -6.73 5.80
C PHE A 108 4.26 -5.88 7.00
N ASP A 109 5.18 -5.64 7.95
CA ASP A 109 4.93 -4.89 9.21
C ASP A 109 5.03 -3.38 8.96
N TYR A 110 5.95 -2.92 8.09
CA TYR A 110 6.22 -1.47 7.82
C TYR A 110 6.41 -1.19 6.33
N TRP A 111 5.61 -0.25 5.82
CA TRP A 111 5.63 0.05 4.38
C TRP A 111 6.27 1.42 4.13
N GLY A 112 6.34 1.82 2.86
CA GLY A 112 6.87 3.15 2.53
C GLY A 112 5.72 4.05 2.09
N GLN A 113 5.96 5.36 2.04
CA GLN A 113 4.85 6.30 1.72
C GLN A 113 4.32 5.98 0.33
N GLY A 114 5.11 5.30 -0.50
CA GLY A 114 4.71 5.05 -1.90
C GLY A 114 4.92 6.25 -2.78
N THR A 115 5.36 6.00 -4.03
CA THR A 115 5.66 7.00 -5.09
C THR A 115 4.98 6.61 -6.40
N LEU A 116 4.30 7.54 -7.06
CA LEU A 116 3.88 7.37 -8.48
C LEU A 116 5.12 7.33 -9.40
N VAL A 117 5.06 6.35 -10.30
CA VAL A 117 5.79 6.22 -11.59
C VAL A 117 4.74 6.31 -12.70
N THR A 118 4.79 7.36 -13.52
CA THR A 118 3.83 7.63 -14.62
C THR A 118 4.57 7.44 -15.95
N VAL A 119 4.05 6.59 -16.85
CA VAL A 119 4.72 6.21 -18.13
C VAL A 119 3.87 6.75 -19.31
N SER A 120 4.43 7.69 -20.05
CA SER A 120 3.75 8.51 -21.10
C SER A 120 4.80 9.14 -22.03
N SER A 121 4.62 9.00 -23.34
CA SER A 121 5.40 9.75 -24.37
C SER A 121 5.04 11.24 -24.32
N ALA A 122 4.03 11.62 -23.50
CA ALA A 122 3.63 13.03 -23.22
C ALA A 122 4.66 13.68 -22.28
N SER A 123 4.45 14.96 -21.98
CA SER A 123 5.51 15.91 -21.53
C SER A 123 5.06 16.64 -20.26
N THR A 124 6.00 16.81 -19.32
CA THR A 124 5.67 17.44 -18.02
C THR A 124 5.27 18.90 -18.23
N LYS A 125 4.10 19.27 -17.71
CA LYS A 125 3.68 20.69 -17.77
C LYS A 125 3.69 21.23 -16.35
N GLY A 126 3.24 22.46 -16.15
CA GLY A 126 3.15 23.02 -14.78
C GLY A 126 1.73 23.42 -14.53
N PRO A 127 1.34 23.74 -13.27
CA PRO A 127 -0.04 24.07 -12.97
C PRO A 127 -0.36 25.49 -13.44
N SER A 128 -1.57 25.94 -13.12
CA SER A 128 -2.05 27.31 -13.42
C SER A 128 -3.05 27.70 -12.33
N VAL A 129 -2.57 28.12 -11.17
CA VAL A 129 -3.44 28.23 -9.96
C VAL A 129 -4.38 29.44 -10.14
N PHE A 130 -5.68 29.20 -10.01
CA PHE A 130 -6.68 30.29 -10.15
C PHE A 130 -7.51 30.41 -8.87
N PRO A 131 -7.34 31.42 -7.98
CA PRO A 131 -8.11 31.48 -6.73
C PRO A 131 -9.64 31.46 -6.84
N LEU A 132 -10.29 30.59 -6.06
CA LEU A 132 -11.78 30.57 -6.01
C LEU A 132 -12.23 31.48 -4.88
N ALA A 133 -12.71 32.69 -5.19
CA ALA A 133 -13.05 33.67 -4.15
C ALA A 133 -14.48 33.44 -3.62
N PRO A 134 -14.78 33.79 -2.35
CA PRO A 134 -16.09 33.50 -1.77
C PRO A 134 -17.17 34.56 -2.03
N SER A 135 -18.21 34.59 -1.18
CA SER A 135 -19.33 35.56 -1.33
C SER A 135 -19.72 36.16 0.03
N SER A 140 -22.12 37.08 5.67
CA SER A 140 -21.82 35.91 6.55
C SER A 140 -23.10 35.10 6.82
N GLY A 141 -23.47 34.20 5.89
CA GLY A 141 -24.44 33.12 6.12
C GLY A 141 -23.77 31.98 6.87
N GLY A 142 -23.22 32.27 8.07
CA GLY A 142 -22.47 31.35 8.94
C GLY A 142 -21.01 31.20 8.51
N THR A 143 -20.65 30.02 7.97
CA THR A 143 -19.31 29.68 7.42
C THR A 143 -19.29 29.91 5.90
N ALA A 144 -18.11 30.18 5.36
CA ALA A 144 -17.89 30.54 3.94
C ALA A 144 -16.89 29.57 3.32
N ALA A 145 -17.08 29.29 2.02
CA ALA A 145 -16.29 28.37 1.19
C ALA A 145 -15.37 29.20 0.27
N LEU A 146 -14.06 29.04 0.41
CA LEU A 146 -13.02 29.53 -0.54
C LEU A 146 -12.20 28.33 -1.05
N GLY A 147 -11.23 28.58 -1.93
CA GLY A 147 -10.35 27.53 -2.47
C GLY A 147 -9.51 28.05 -3.62
N CYS A 148 -8.82 27.18 -4.36
CA CYS A 148 -8.18 27.53 -5.65
C CYS A 148 -8.24 26.35 -6.63
N LEU A 149 -8.52 26.64 -7.91
CA LEU A 149 -8.16 25.78 -9.08
C LEU A 149 -6.65 25.56 -9.09
N VAL A 150 -6.24 24.36 -9.41
CA VAL A 150 -4.85 24.07 -9.85
C VAL A 150 -5.01 23.37 -11.20
N LYS A 151 -4.61 24.02 -12.30
CA LYS A 151 -5.16 23.71 -13.63
C LYS A 151 -4.08 23.42 -14.69
N ASP A 152 -4.42 22.51 -15.60
CA ASP A 152 -3.66 22.09 -16.82
C ASP A 152 -2.28 21.53 -16.48
N TYR A 153 -2.23 20.45 -15.69
CA TYR A 153 -0.94 19.90 -15.23
C TYR A 153 -0.70 18.50 -15.79
N PHE A 154 0.57 18.05 -15.78
CA PHE A 154 0.90 16.66 -16.17
C PHE A 154 2.25 16.34 -15.54
N PRO A 155 2.48 15.13 -14.99
CA PRO A 155 1.39 14.23 -14.62
C PRO A 155 0.94 14.42 -13.17
N PRO A 157 0.99 13.71 -9.91
CA PRO A 157 1.15 14.00 -8.47
C PRO A 157 1.12 15.50 -8.14
N VAL A 158 0.06 15.96 -7.47
CA VAL A 158 -0.04 17.39 -7.07
C VAL A 158 -0.20 17.47 -5.55
N THR A 159 0.39 18.49 -4.91
CA THR A 159 0.33 18.59 -3.43
C THR A 159 -0.22 19.95 -3.00
N VAL A 160 -1.46 20.00 -2.50
CA VAL A 160 -2.00 21.28 -1.96
C VAL A 160 -2.00 21.18 -0.44
N SER A 161 -1.85 22.31 0.25
CA SER A 161 -2.14 22.50 1.70
C SER A 161 -2.74 23.88 1.87
N TRP A 162 -2.84 24.40 3.10
CA TRP A 162 -3.12 25.83 3.37
C TRP A 162 -2.21 26.32 4.51
N ASN A 163 -1.68 27.55 4.38
CA ASN A 163 -0.89 28.24 5.43
C ASN A 163 0.27 27.33 5.84
N SER A 164 0.99 26.78 4.86
CA SER A 164 2.18 25.92 5.03
C SER A 164 1.84 24.65 5.84
N GLY A 165 0.56 24.22 5.85
CA GLY A 165 0.11 22.94 6.44
C GLY A 165 -0.52 23.09 7.82
N ALA A 166 -0.49 24.29 8.41
CA ALA A 166 -1.02 24.58 9.76
C ALA A 166 -2.53 24.34 9.77
N LEU A 167 -3.26 25.05 8.91
CA LEU A 167 -4.72 24.86 8.65
C LEU A 167 -4.92 23.63 7.76
N THR A 168 -5.67 22.64 8.26
CA THR A 168 -6.10 21.41 7.56
C THR A 168 -7.57 21.07 7.87
N SER A 169 -8.36 22.02 8.39
CA SER A 169 -9.68 21.81 9.05
C SER A 169 -10.82 22.26 8.12
N GLY A 170 -11.57 21.31 7.54
CA GLY A 170 -12.72 21.57 6.62
C GLY A 170 -12.31 21.48 5.16
N VAL A 171 -11.05 21.11 4.91
CA VAL A 171 -10.36 21.06 3.59
C VAL A 171 -10.89 19.87 2.79
N HIS A 172 -11.14 20.06 1.49
CA HIS A 172 -11.50 19.02 0.48
C HIS A 172 -10.64 19.19 -0.79
N THR A 173 -9.40 18.67 -0.77
CA THR A 173 -8.56 18.51 -1.98
C THR A 173 -9.12 17.35 -2.80
N PHE A 174 -9.71 17.66 -3.95
CA PHE A 174 -10.52 16.73 -4.78
C PHE A 174 -9.61 15.85 -5.63
N PRO A 175 -10.05 14.62 -5.95
CA PRO A 175 -9.43 13.88 -7.04
C PRO A 175 -9.19 14.85 -8.20
N ALA A 176 -8.02 14.79 -8.82
CA ALA A 176 -7.77 15.42 -10.13
C ALA A 176 -8.71 14.80 -11.18
N VAL A 177 -8.91 15.47 -12.31
CA VAL A 177 -9.77 14.99 -13.42
C VAL A 177 -8.88 15.01 -14.66
N LEU A 178 -9.16 14.14 -15.62
CA LEU A 178 -8.49 14.18 -16.95
C LEU A 178 -9.35 15.04 -17.88
N GLN A 179 -8.81 16.16 -18.35
CA GLN A 179 -9.58 17.10 -19.20
C GLN A 179 -9.57 16.57 -20.64
N SER A 180 -10.59 16.92 -21.43
CA SER A 180 -10.66 16.68 -22.90
C SER A 180 -9.28 16.87 -23.54
N SER A 181 -8.60 17.96 -23.17
CA SER A 181 -7.21 18.33 -23.55
C SER A 181 -6.21 17.23 -23.16
N GLY A 182 -6.34 16.69 -21.95
CA GLY A 182 -5.39 15.67 -21.48
C GLY A 182 -4.47 16.20 -20.41
N LEU A 183 -5.01 17.01 -19.50
CA LEU A 183 -4.20 17.56 -18.38
C LEU A 183 -4.94 17.28 -17.06
N TYR A 184 -4.29 17.51 -15.92
CA TYR A 184 -4.91 17.14 -14.62
C TYR A 184 -5.36 18.38 -13.84
N SER A 185 -6.68 18.54 -13.66
CA SER A 185 -7.23 19.73 -12.97
C SER A 185 -7.92 19.30 -11.68
N LEU A 186 -7.37 19.71 -10.54
CA LEU A 186 -8.00 19.40 -9.23
C LEU A 186 -8.75 20.64 -8.75
N SER A 187 -9.07 20.70 -7.45
CA SER A 187 -9.82 21.84 -6.88
C SER A 187 -9.75 21.76 -5.36
N SER A 188 -8.74 22.37 -4.73
CA SER A 188 -8.69 22.40 -3.25
C SER A 188 -9.81 23.30 -2.73
N VAL A 189 -10.30 23.04 -1.52
CA VAL A 189 -11.46 23.83 -1.01
C VAL A 189 -11.42 23.85 0.52
N VAL A 190 -11.81 24.98 1.14
CA VAL A 190 -11.88 25.06 2.63
C VAL A 190 -13.18 25.76 3.03
N THR A 191 -13.77 25.37 4.16
CA THR A 191 -14.97 26.08 4.68
C THR A 191 -14.58 26.72 6.01
N VAL A 192 -14.58 28.05 6.10
CA VAL A 192 -14.10 28.72 7.34
C VAL A 192 -15.13 29.74 7.84
N PRO A 193 -15.34 29.97 9.17
CA PRO A 193 -16.25 31.03 9.59
C PRO A 193 -15.89 32.39 8.95
N SER A 194 -16.88 33.01 8.28
CA SER A 194 -16.72 34.25 7.46
C SER A 194 -16.18 35.40 8.31
N SER A 195 -16.39 35.28 9.63
CA SER A 195 -15.85 36.18 10.68
C SER A 195 -14.33 36.31 10.58
N SER A 196 -13.70 35.41 9.83
CA SER A 196 -12.24 35.36 9.55
C SER A 196 -11.87 36.21 8.31
N LEU A 197 -12.85 36.69 7.53
CA LEU A 197 -12.61 37.52 6.31
C LEU A 197 -13.43 38.79 6.35
N GLY A 198 -12.78 39.95 6.15
CA GLY A 198 -11.34 40.05 6.01
C GLY A 198 -10.65 40.14 7.36
N THR A 199 -10.06 39.05 7.86
CA THR A 199 -9.21 39.02 9.08
C THR A 199 -8.01 38.08 8.91
N GLN A 200 -8.11 37.04 8.07
CA GLN A 200 -7.20 35.86 8.07
C GLN A 200 -6.44 35.70 6.74
N THR A 201 -5.16 35.32 6.84
CA THR A 201 -4.26 34.98 5.71
C THR A 201 -4.61 33.58 5.19
N TYR A 202 -5.30 33.50 4.05
CA TYR A 202 -5.68 32.26 3.33
C TYR A 202 -4.91 32.17 2.01
N ILE A 203 -3.92 31.28 1.95
CA ILE A 203 -2.90 31.11 0.85
C ILE A 203 -2.69 29.60 0.58
N CYS A 204 -3.06 29.11 -0.62
CA CYS A 204 -3.12 27.66 -1.00
C CYS A 204 -1.80 27.19 -1.63
N ASN A 205 -1.06 26.30 -0.96
CA ASN A 205 0.38 25.98 -1.23
C ASN A 205 0.50 24.76 -2.15
N VAL A 206 0.64 25.01 -3.47
CA VAL A 206 0.43 24.01 -4.56
C VAL A 206 1.78 23.53 -5.11
N ASN A 207 2.32 22.40 -4.63
CA ASN A 207 3.69 21.93 -5.00
C ASN A 207 3.62 20.93 -6.16
N HIS A 208 4.77 20.73 -6.82
CA HIS A 208 4.86 19.81 -7.97
C HIS A 208 6.32 19.39 -8.12
N LYS A 209 6.62 18.12 -7.90
CA LYS A 209 8.01 17.64 -8.15
C LYS A 209 8.25 17.60 -9.67
N PRO A 210 7.43 16.93 -10.52
CA PRO A 210 7.73 16.82 -11.95
C PRO A 210 8.23 18.16 -12.51
N SER A 211 7.42 19.21 -12.39
CA SER A 211 7.85 20.55 -12.81
C SER A 211 8.09 21.37 -11.54
N ASN A 212 9.35 21.56 -11.15
CA ASN A 212 9.65 22.27 -9.88
C ASN A 212 8.65 23.44 -9.81
N THR A 213 7.73 23.41 -8.84
CA THR A 213 6.70 24.46 -8.73
C THR A 213 6.35 24.56 -7.24
N LYS A 214 6.20 25.77 -6.72
CA LYS A 214 5.84 25.97 -5.29
C LYS A 214 4.86 27.14 -5.16
N VAL A 215 4.02 27.34 -6.19
CA VAL A 215 3.01 28.45 -6.19
C VAL A 215 2.27 28.45 -4.85
N ASP A 216 2.10 29.63 -4.24
CA ASP A 216 1.27 29.85 -3.03
C ASP A 216 0.43 31.10 -3.24
N LYS A 217 -0.68 31.01 -4.00
CA LYS A 217 -1.60 32.15 -4.29
C LYS A 217 -2.51 32.44 -3.09
N LYS A 218 -3.04 33.66 -3.01
CA LYS A 218 -3.85 34.20 -1.87
C LYS A 218 -5.29 34.45 -2.31
N VAL A 219 -6.25 34.32 -1.38
CA VAL A 219 -7.71 34.43 -1.66
C VAL A 219 -8.28 35.64 -0.89
N GLU A 220 -8.98 36.53 -1.60
CA GLU A 220 -9.72 37.72 -1.08
C GLU A 220 -11.02 37.84 -1.85
N PRO A 221 -12.13 38.30 -1.22
CA PRO A 221 -13.36 38.62 -1.97
C PRO A 221 -13.11 39.38 -3.28
N ASP B 2 -0.60 -20.16 -9.88
CA ASP B 2 -0.24 -19.30 -8.66
C ASP B 2 -1.49 -19.15 -7.76
N ILE B 3 -1.30 -19.14 -6.45
CA ILE B 3 -2.43 -19.34 -5.49
C ILE B 3 -3.32 -18.11 -5.60
N GLN B 4 -4.59 -18.35 -5.96
CA GLN B 4 -5.60 -17.31 -6.21
C GLN B 4 -6.36 -17.06 -4.91
N MET B 5 -6.11 -15.90 -4.31
CA MET B 5 -6.94 -15.36 -3.21
C MET B 5 -8.14 -14.68 -3.86
N THR B 6 -9.36 -15.00 -3.44
CA THR B 6 -10.61 -14.44 -4.00
C THR B 6 -11.50 -13.85 -2.92
N GLN B 7 -11.58 -12.52 -2.80
CA GLN B 7 -12.32 -11.87 -1.67
C GLN B 7 -13.81 -11.71 -1.98
N SER B 8 -14.60 -11.33 -0.98
CA SER B 8 -16.07 -11.50 -0.99
C SER B 8 -16.64 -10.72 0.19
N PRO B 9 -17.55 -9.74 -0.05
CA PRO B 9 -17.87 -9.27 -1.40
C PRO B 9 -16.72 -8.37 -1.88
N SER B 10 -16.81 -7.93 -3.12
CA SER B 10 -15.84 -6.97 -3.69
C SER B 10 -16.19 -5.54 -3.25
N SER B 11 -17.38 -5.29 -2.65
CA SER B 11 -17.70 -4.03 -1.89
C SER B 11 -18.98 -4.11 -1.01
N LEU B 12 -18.96 -3.35 0.09
CA LEU B 12 -19.93 -3.41 1.24
C LEU B 12 -20.31 -2.01 1.68
N SER B 13 -21.62 -1.75 1.83
CA SER B 13 -22.13 -0.56 2.57
C SER B 13 -23.03 -1.01 3.71
N ALA B 14 -22.46 -1.17 4.90
CA ALA B 14 -23.20 -1.49 6.14
C ALA B 14 -23.29 -0.23 7.01
N SER B 15 -24.34 -0.18 7.82
CA SER B 15 -24.60 0.89 8.82
C SER B 15 -23.61 0.76 9.98
N VAL B 16 -23.19 1.89 10.52
CA VAL B 16 -22.12 1.96 11.57
C VAL B 16 -22.68 1.29 12.83
N GLY B 17 -21.83 0.54 13.54
CA GLY B 17 -22.26 -0.28 14.66
C GLY B 17 -22.57 -1.71 14.24
N ASP B 18 -22.81 -1.94 12.95
CA ASP B 18 -23.18 -3.27 12.37
C ASP B 18 -21.95 -4.21 12.31
N ARG B 19 -22.22 -5.50 12.17
CA ARG B 19 -21.21 -6.57 12.13
C ARG B 19 -20.90 -6.91 10.66
N VAL B 20 -19.68 -6.64 10.19
CA VAL B 20 -19.31 -6.77 8.75
C VAL B 20 -18.28 -7.89 8.60
N THR B 21 -18.44 -8.77 7.61
CA THR B 21 -17.49 -9.89 7.42
C THR B 21 -17.05 -9.98 5.95
N ILE B 22 -15.76 -10.24 5.76
CA ILE B 22 -15.13 -10.29 4.41
C ILE B 22 -14.50 -11.66 4.28
N THR B 23 -14.99 -12.44 3.30
CA THR B 23 -14.47 -13.79 2.94
C THR B 23 -13.28 -13.61 2.02
N CYS B 24 -12.34 -14.52 2.11
CA CYS B 24 -11.21 -14.65 1.17
C CYS B 24 -10.93 -16.15 1.05
N ARG B 25 -11.35 -16.76 -0.08
CA ARG B 25 -11.14 -18.19 -0.43
C ARG B 25 -9.77 -18.37 -1.12
N ALA B 26 -8.92 -19.23 -0.58
CA ALA B 26 -7.67 -19.71 -1.19
C ALA B 26 -8.04 -20.72 -2.27
N SER B 27 -7.21 -20.88 -3.31
CA SER B 27 -7.46 -21.80 -4.46
C SER B 27 -6.95 -23.20 -4.09
N GLN B 28 -6.13 -23.30 -3.08
CA GLN B 28 -5.73 -24.58 -2.47
C GLN B 28 -5.60 -24.35 -0.97
N SER B 29 -5.56 -25.41 -0.17
CA SER B 29 -5.21 -25.32 1.28
C SER B 29 -3.91 -24.52 1.36
N ILE B 30 -3.81 -23.57 2.28
CA ILE B 30 -2.57 -22.74 2.45
C ILE B 30 -2.18 -22.79 3.91
N GLY B 31 -2.80 -23.66 4.69
CA GLY B 31 -2.61 -23.68 6.14
C GLY B 31 -3.29 -22.47 6.72
N THR B 32 -2.59 -21.72 7.57
CA THR B 32 -3.10 -20.43 8.14
C THR B 32 -2.21 -19.25 7.73
N ASP B 33 -1.55 -19.37 6.56
CA ASP B 33 -0.55 -18.40 6.04
C ASP B 33 -1.29 -17.30 5.26
N ILE B 34 -2.36 -16.76 5.85
CA ILE B 34 -3.08 -15.58 5.31
C ILE B 34 -2.89 -14.37 6.28
N HIS B 35 -2.89 -13.15 5.79
CA HIS B 35 -2.67 -11.90 6.57
C HIS B 35 -3.58 -10.83 5.96
N TRP B 36 -4.26 -10.04 6.78
CA TRP B 36 -5.21 -9.00 6.29
C TRP B 36 -4.61 -7.60 6.41
N TYR B 37 -4.74 -6.77 5.38
CA TYR B 37 -4.25 -5.37 5.40
C TYR B 37 -5.41 -4.42 5.18
N GLN B 38 -5.33 -3.23 5.77
CA GLN B 38 -6.34 -2.15 5.55
C GLN B 38 -5.63 -1.00 4.82
N GLN B 39 -6.23 -0.53 3.73
CA GLN B 39 -5.66 0.56 2.92
C GLN B 39 -6.71 1.65 2.80
N LYS B 40 -6.44 2.75 3.48
CA LYS B 40 -7.27 3.95 3.37
C LYS B 40 -6.81 4.61 2.09
N PRO B 41 -7.75 5.23 1.33
CA PRO B 41 -7.41 5.93 0.10
C PRO B 41 -6.17 6.82 0.16
N GLY B 42 -5.16 6.47 -0.63
CA GLY B 42 -3.95 7.29 -0.79
C GLY B 42 -2.83 6.90 0.16
N LYS B 43 -3.08 6.00 1.10
CA LYS B 43 -2.04 5.62 2.10
C LYS B 43 -1.50 4.24 1.73
N ALA B 44 -0.41 3.88 2.41
CA ALA B 44 0.23 2.56 2.37
C ALA B 44 -0.66 1.58 3.14
N PRO B 45 -0.78 0.31 2.67
CA PRO B 45 -1.46 -0.72 3.44
C PRO B 45 -0.90 -0.82 4.87
N LYS B 46 -1.81 -1.11 5.81
CA LYS B 46 -1.55 -1.33 7.27
C LYS B 46 -2.00 -2.75 7.66
N LEU B 47 -1.09 -3.54 8.24
CA LEU B 47 -1.40 -4.93 8.65
C LEU B 47 -2.38 -4.92 9.83
N LEU B 48 -3.49 -5.64 9.70
CA LEU B 48 -4.56 -5.83 10.70
C LEU B 48 -4.40 -7.17 11.44
N ILE B 49 -4.34 -8.26 10.70
CA ILE B 49 -4.24 -9.61 11.30
C ILE B 49 -3.07 -10.34 10.64
N LYS B 50 -2.35 -11.15 11.41
CA LYS B 50 -1.35 -12.11 10.88
C LYS B 50 -1.81 -13.54 11.20
N TYR B 51 -1.20 -14.51 10.51
CA TYR B 51 -1.50 -15.95 10.72
C TYR B 51 -2.97 -16.24 11.02
N ALA B 52 -3.87 -15.77 10.16
CA ALA B 52 -5.34 -15.99 10.30
C ALA B 52 -5.97 -15.24 11.47
N SER B 53 -5.51 -15.46 12.71
CA SER B 53 -6.18 -14.89 13.90
C SER B 53 -5.25 -13.99 14.70
N GLU B 54 -3.95 -14.24 14.67
CA GLU B 54 -3.05 -13.44 15.56
C GLU B 54 -3.28 -11.93 15.32
N SER B 55 -3.52 -11.15 16.39
CA SER B 55 -3.83 -9.69 16.25
C SER B 55 -2.54 -8.89 16.33
N ILE B 56 -2.55 -7.71 15.69
CA ILE B 56 -1.35 -6.86 15.63
C ILE B 56 -1.45 -5.87 16.78
N SER B 57 -0.29 -5.59 17.42
CA SER B 57 -0.09 -4.51 18.42
C SER B 57 -0.63 -3.21 17.84
N GLY B 58 -1.68 -2.67 18.45
CA GLY B 58 -2.19 -1.31 18.12
C GLY B 58 -3.47 -1.37 17.33
N VAL B 59 -3.76 -2.50 16.70
CA VAL B 59 -5.03 -2.61 15.92
C VAL B 59 -6.16 -2.69 16.93
N PRO B 60 -7.27 -1.95 16.72
CA PRO B 60 -8.47 -2.11 17.54
C PRO B 60 -8.99 -3.55 17.67
N SER B 61 -9.93 -3.75 18.59
CA SER B 61 -10.47 -5.07 18.95
C SER B 61 -11.66 -5.44 18.05
N ARG B 62 -12.35 -4.46 17.42
CA ARG B 62 -13.48 -4.75 16.50
C ARG B 62 -13.02 -5.67 15.34
N PHE B 63 -11.74 -5.60 14.97
CA PHE B 63 -11.11 -6.41 13.90
C PHE B 63 -10.72 -7.78 14.47
N SER B 64 -11.23 -8.88 13.88
CA SER B 64 -10.83 -10.29 14.17
C SER B 64 -10.80 -11.11 12.86
N GLY B 65 -9.68 -11.78 12.64
CA GLY B 65 -9.53 -12.85 11.64
C GLY B 65 -9.71 -14.23 12.25
N SER B 66 -10.28 -15.14 11.45
CA SER B 66 -10.77 -16.47 11.88
C SER B 66 -10.73 -17.47 10.71
N ARG B 67 -11.58 -18.49 10.82
CA ARG B 67 -11.87 -19.41 9.69
C ARG B 67 -10.77 -20.37 9.24
N SER B 68 -11.19 -21.55 8.82
CA SER B 68 -10.22 -22.50 8.22
C SER B 68 -10.78 -23.08 6.93
N GLY B 69 -10.27 -24.23 6.51
CA GLY B 69 -10.64 -24.75 5.19
C GLY B 69 -9.93 -23.86 4.19
N THR B 70 -10.45 -23.76 2.98
CA THR B 70 -9.85 -22.78 2.05
C THR B 70 -10.32 -21.34 2.38
N ASP B 71 -11.29 -21.18 3.31
CA ASP B 71 -12.05 -19.93 3.58
C ASP B 71 -11.44 -19.17 4.78
N PHE B 72 -11.37 -17.85 4.67
CA PHE B 72 -10.73 -16.98 5.69
C PHE B 72 -11.51 -15.67 5.74
N THR B 73 -11.71 -15.19 6.96
CA THR B 73 -12.79 -14.21 7.29
C THR B 73 -12.23 -13.18 8.25
N LEU B 74 -12.27 -11.91 7.82
CA LEU B 74 -11.99 -10.72 8.64
C LEU B 74 -13.34 -10.13 9.03
N THR B 75 -13.52 -9.94 10.33
CA THR B 75 -14.78 -9.44 10.92
C THR B 75 -14.50 -8.12 11.65
N ILE B 76 -15.33 -7.11 11.35
CA ILE B 76 -15.27 -5.82 12.08
C ILE B 76 -16.51 -5.80 12.96
N SER B 77 -16.37 -6.16 14.24
CA SER B 77 -17.51 -6.13 15.18
C SER B 77 -17.84 -4.67 15.50
N SER B 78 -18.96 -4.14 14.98
CA SER B 78 -19.34 -2.72 15.15
C SER B 78 -18.56 -1.88 14.14
N LEU B 79 -19.15 -1.66 12.97
CA LEU B 79 -18.46 -0.87 11.92
C LEU B 79 -18.32 0.57 12.40
N GLN B 80 -17.14 1.14 12.26
CA GLN B 80 -16.90 2.56 12.60
C GLN B 80 -16.86 3.39 11.33
N PRO B 81 -17.15 4.72 11.38
CA PRO B 81 -16.81 5.65 10.32
C PRO B 81 -15.36 5.61 9.79
N GLU B 82 -14.37 5.39 10.67
CA GLU B 82 -12.90 5.33 10.35
C GLU B 82 -12.55 4.10 9.47
N ASP B 83 -13.45 3.13 9.39
CA ASP B 83 -13.16 1.81 8.81
C ASP B 83 -13.46 1.86 7.31
N PHE B 84 -13.68 3.09 6.84
CA PHE B 84 -13.80 3.32 5.38
C PHE B 84 -12.40 3.09 4.82
N ALA B 85 -12.22 1.97 4.18
CA ALA B 85 -10.94 1.52 3.55
C ALA B 85 -11.26 0.41 2.58
N THR B 86 -10.26 0.03 1.78
CA THR B 86 -10.25 -1.24 1.01
C THR B 86 -9.37 -2.21 1.80
N TYR B 87 -9.90 -3.40 2.12
CA TYR B 87 -9.18 -4.45 2.88
C TYR B 87 -8.72 -5.58 1.94
N TYR B 88 -7.47 -6.00 2.12
CA TYR B 88 -6.77 -7.03 1.31
C TYR B 88 -6.38 -8.23 2.20
N CYS B 89 -6.58 -9.46 1.73
CA CYS B 89 -5.88 -10.66 2.28
C CYS B 89 -4.60 -10.97 1.49
N GLN B 90 -3.70 -11.79 2.02
CA GLN B 90 -2.40 -12.04 1.37
C GLN B 90 -1.81 -13.34 1.89
N GLN B 91 -1.37 -14.23 1.01
CA GLN B 91 -0.91 -15.60 1.39
C GLN B 91 0.61 -15.59 1.48
N SER B 92 1.17 -16.35 2.43
CA SER B 92 2.62 -16.60 2.60
C SER B 92 2.95 -18.11 2.40
N ASN B 93 1.97 -18.92 2.01
CA ASN B 93 2.11 -20.40 2.00
C ASN B 93 3.19 -20.86 1.00
N ARG B 94 3.13 -20.36 -0.24
CA ARG B 94 3.75 -20.87 -1.49
C ARG B 94 4.30 -19.68 -2.29
N TRP B 95 5.51 -19.81 -2.85
CA TRP B 95 6.16 -18.70 -3.59
C TRP B 95 5.51 -18.59 -4.96
N PRO B 96 5.18 -17.37 -5.42
CA PRO B 96 5.41 -16.13 -4.68
C PRO B 96 4.22 -15.71 -3.82
N PHE B 97 4.46 -14.77 -2.89
CA PHE B 97 3.38 -14.12 -2.11
C PHE B 97 2.41 -13.51 -3.13
N THR B 98 1.10 -13.68 -2.96
CA THR B 98 0.01 -13.08 -3.78
C THR B 98 -1.03 -12.43 -2.87
N PHE B 99 -1.78 -11.46 -3.43
CA PHE B 99 -2.82 -10.69 -2.70
C PHE B 99 -4.16 -10.98 -3.34
N GLY B 100 -5.22 -10.65 -2.61
CA GLY B 100 -6.61 -10.77 -3.04
C GLY B 100 -6.98 -9.50 -3.77
N GLN B 101 -8.15 -9.49 -4.41
CA GLN B 101 -8.63 -8.40 -5.30
C GLN B 101 -8.90 -7.14 -4.47
N GLY B 102 -9.10 -7.26 -3.15
CA GLY B 102 -9.62 -6.17 -2.30
C GLY B 102 -11.14 -6.23 -2.11
N THR B 103 -11.60 -5.88 -0.89
CA THR B 103 -13.01 -5.56 -0.55
C THR B 103 -13.04 -4.16 0.06
N LYS B 104 -13.81 -3.28 -0.55
CA LYS B 104 -14.02 -1.84 -0.21
C LYS B 104 -15.26 -1.75 0.73
N VAL B 105 -15.11 -1.16 1.92
CA VAL B 105 -16.25 -0.94 2.86
C VAL B 105 -16.56 0.56 2.81
N GLU B 106 -17.73 0.90 2.26
CA GLU B 106 -18.41 2.21 2.41
C GLU B 106 -19.30 2.10 3.66
N ILE B 107 -19.28 3.15 4.48
CA ILE B 107 -20.21 3.39 5.62
C ILE B 107 -21.54 3.89 5.06
N LYS B 108 -22.64 3.39 5.62
CA LYS B 108 -24.01 3.91 5.39
C LYS B 108 -24.37 4.80 6.59
N ARG B 109 -25.25 5.78 6.41
CA ARG B 109 -25.57 6.78 7.47
C ARG B 109 -26.84 7.56 7.12
N THR B 110 -27.20 8.53 7.96
CA THR B 110 -28.46 9.33 7.86
C THR B 110 -28.34 10.32 6.70
N VAL B 111 -29.31 10.29 5.76
CA VAL B 111 -29.40 11.23 4.60
C VAL B 111 -29.10 12.65 5.09
N ALA B 112 -28.13 13.31 4.44
CA ALA B 112 -27.70 14.72 4.67
C ALA B 112 -27.94 15.53 3.40
N ALA B 113 -27.78 16.85 3.48
CA ALA B 113 -27.89 17.78 2.33
C ALA B 113 -26.60 18.57 2.19
N PRO B 114 -26.24 18.94 0.95
CA PRO B 114 -25.01 19.71 0.71
C PRO B 114 -25.07 21.23 1.02
N SER B 115 -23.94 21.77 1.53
CA SER B 115 -23.67 23.21 1.69
C SER B 115 -23.23 23.75 0.33
N VAL B 116 -24.18 23.89 -0.60
CA VAL B 116 -23.89 24.28 -2.02
C VAL B 116 -23.25 25.68 -2.07
N PHE B 117 -22.22 25.83 -2.91
CA PHE B 117 -21.49 27.08 -3.17
C PHE B 117 -21.23 27.19 -4.68
N ILE B 118 -20.88 28.40 -5.14
CA ILE B 118 -20.64 28.72 -6.57
C ILE B 118 -19.49 29.71 -6.67
N PHE B 119 -18.66 29.57 -7.69
CA PHE B 119 -17.36 30.29 -7.84
C PHE B 119 -17.20 30.84 -9.24
N PRO B 120 -17.30 32.19 -9.40
CA PRO B 120 -16.99 32.83 -10.67
C PRO B 120 -15.48 32.72 -10.91
N PRO B 121 -15.05 32.63 -12.19
CA PRO B 121 -13.63 32.52 -12.54
C PRO B 121 -12.76 33.72 -12.18
N SER B 122 -11.54 33.44 -11.68
CA SER B 122 -10.46 34.38 -11.31
C SER B 122 -10.24 35.43 -12.41
N ASP B 123 -9.96 36.68 -12.03
CA ASP B 123 -9.48 37.67 -13.02
C ASP B 123 -8.27 37.06 -13.73
N SER B 124 -7.34 36.46 -12.97
CA SER B 124 -6.08 35.81 -13.46
C SER B 124 -6.37 34.97 -14.70
N GLN B 125 -7.29 34.01 -14.56
CA GLN B 125 -7.56 32.96 -15.59
C GLN B 125 -8.13 33.58 -16.85
N LEU B 126 -9.10 34.49 -16.69
CA LEU B 126 -9.96 34.99 -17.80
C LEU B 126 -9.12 35.72 -18.86
N LYS B 127 -7.89 36.10 -18.52
CA LYS B 127 -6.87 36.69 -19.43
C LYS B 127 -6.39 35.61 -20.42
N SER B 128 -6.34 34.35 -19.95
CA SER B 128 -5.90 33.13 -20.68
C SER B 128 -6.81 32.86 -21.89
N GLY B 129 -8.12 33.18 -21.80
CA GLY B 129 -9.07 33.05 -22.92
C GLY B 129 -10.10 31.97 -22.67
N THR B 130 -9.96 31.24 -21.57
CA THR B 130 -10.92 30.24 -21.04
C THR B 130 -11.38 30.69 -19.65
N ALA B 131 -12.54 30.18 -19.21
CA ALA B 131 -13.22 30.51 -17.93
C ALA B 131 -13.81 29.24 -17.30
N SER B 132 -13.38 28.91 -16.07
CA SER B 132 -13.89 27.77 -15.26
C SER B 132 -14.86 28.26 -14.15
N VAL B 133 -16.11 27.77 -14.23
CA VAL B 133 -17.18 27.93 -13.20
C VAL B 133 -17.23 26.68 -12.32
N VAL B 134 -17.09 26.85 -11.00
CA VAL B 134 -16.94 25.76 -9.99
C VAL B 134 -18.19 25.75 -9.11
N CYS B 135 -18.82 24.59 -8.92
CA CYS B 135 -19.98 24.39 -8.03
C CYS B 135 -19.63 23.36 -6.95
N LEU B 136 -19.37 23.78 -5.70
CA LEU B 136 -19.31 22.89 -4.49
C LEU B 136 -20.72 22.40 -4.12
N LEU B 137 -20.82 21.10 -3.81
CA LEU B 137 -21.79 20.43 -2.91
C LEU B 137 -20.94 19.94 -1.74
N ASN B 138 -21.25 20.35 -0.51
CA ASN B 138 -20.45 19.98 0.68
C ASN B 138 -21.24 19.04 1.60
N ASN B 139 -20.68 17.87 1.93
CA ASN B 139 -21.10 17.02 3.09
C ASN B 139 -22.53 16.55 2.89
N PHE B 140 -22.77 15.79 1.82
CA PHE B 140 -24.03 15.06 1.50
C PHE B 140 -23.85 13.60 1.96
N TYR B 141 -24.97 12.93 2.24
CA TYR B 141 -25.14 11.46 2.10
C TYR B 141 -26.55 11.22 1.54
N PRO B 142 -26.79 10.36 0.50
CA PRO B 142 -25.80 9.50 -0.16
C PRO B 142 -24.76 10.12 -1.11
N ARG B 143 -24.03 9.27 -1.81
CA ARG B 143 -23.21 9.67 -2.98
C ARG B 143 -24.11 10.35 -4.01
N GLU B 144 -25.13 9.64 -4.52
CA GLU B 144 -25.90 10.01 -5.74
C GLU B 144 -26.46 11.44 -5.64
N ALA B 145 -26.32 12.25 -6.72
CA ALA B 145 -26.67 13.69 -6.85
C ALA B 145 -26.62 14.14 -8.31
N LYS B 146 -27.66 14.84 -8.79
CA LYS B 146 -27.76 15.44 -10.16
C LYS B 146 -27.55 16.97 -10.09
N VAL B 147 -26.36 17.46 -10.49
CA VAL B 147 -26.02 18.92 -10.61
C VAL B 147 -25.79 19.27 -12.10
N GLN B 148 -26.72 20.04 -12.67
CA GLN B 148 -26.71 20.53 -14.08
C GLN B 148 -26.63 22.06 -14.07
N TRP B 149 -25.89 22.64 -15.01
CA TRP B 149 -25.82 24.11 -15.17
C TRP B 149 -26.84 24.58 -16.21
N LYS B 150 -27.18 25.86 -16.13
CA LYS B 150 -27.80 26.65 -17.23
C LYS B 150 -27.23 28.08 -17.11
N VAL B 151 -27.06 28.77 -18.23
CA VAL B 151 -26.66 30.20 -18.28
C VAL B 151 -27.67 30.89 -19.19
N ASP B 152 -28.33 31.95 -18.69
CA ASP B 152 -29.51 32.62 -19.33
C ASP B 152 -30.68 31.62 -19.40
N ASN B 153 -30.77 30.71 -18.44
CA ASN B 153 -31.85 29.68 -18.34
C ASN B 153 -31.60 28.52 -19.32
N ALA B 154 -30.62 28.64 -20.21
CA ALA B 154 -30.38 27.57 -21.20
C ALA B 154 -29.57 26.44 -20.58
N LEU B 155 -30.20 25.27 -20.35
CA LEU B 155 -29.48 24.10 -19.77
C LEU B 155 -28.18 23.87 -20.54
N GLN B 156 -27.06 23.78 -19.83
CA GLN B 156 -25.75 23.57 -20.49
C GLN B 156 -25.39 22.08 -20.51
N SER B 157 -24.47 21.69 -21.39
CA SER B 157 -24.01 20.28 -21.44
C SER B 157 -22.48 20.29 -21.51
N GLY B 158 -21.87 21.49 -21.50
CA GLY B 158 -20.41 21.62 -21.60
C GLY B 158 -19.72 21.34 -20.28
N SER B 160 -18.62 19.48 -18.79
CA SER B 160 -18.91 19.31 -17.34
C SER B 160 -17.84 18.41 -16.72
N GLN B 161 -17.37 18.77 -15.52
CA GLN B 161 -16.28 18.00 -14.87
C GLN B 161 -16.64 17.67 -13.42
N GLU B 162 -17.52 16.70 -13.20
CA GLU B 162 -17.79 16.25 -11.80
C GLU B 162 -16.58 15.49 -11.26
N SER B 163 -16.16 15.81 -10.04
CA SER B 163 -15.24 14.99 -9.22
C SER B 163 -15.87 14.84 -7.83
N VAL B 164 -16.04 13.60 -7.35
CA VAL B 164 -16.53 13.29 -5.96
C VAL B 164 -15.31 13.06 -5.07
N THR B 165 -15.41 13.37 -3.78
CA THR B 165 -14.31 13.09 -2.83
C THR B 165 -14.56 11.74 -2.17
N GLU B 166 -13.58 11.24 -1.43
CA GLU B 166 -13.75 9.95 -0.71
C GLU B 166 -14.51 10.20 0.58
N GLN B 167 -15.21 9.18 1.09
CA GLN B 167 -16.04 9.34 2.32
C GLN B 167 -15.19 9.95 3.44
N ASP B 168 -15.80 10.80 4.25
CA ASP B 168 -15.07 11.46 5.36
C ASP B 168 -14.65 10.40 6.38
N SER B 169 -13.40 10.46 6.83
CA SER B 169 -12.87 9.52 7.83
C SER B 169 -13.67 9.63 9.14
N LYS B 170 -14.49 10.68 9.31
CA LYS B 170 -15.27 10.87 10.57
C LYS B 170 -16.72 11.25 10.25
N ASP B 171 -17.00 12.21 9.37
CA ASP B 171 -18.39 12.63 9.03
C ASP B 171 -19.12 11.51 8.28
N SER B 172 -18.33 10.56 7.72
CA SER B 172 -18.64 9.61 6.62
C SER B 172 -19.59 10.24 5.56
N THR B 173 -19.31 11.49 5.16
CA THR B 173 -20.06 12.30 4.15
C THR B 173 -19.25 12.46 2.85
N TYR B 174 -19.89 13.02 1.82
CA TYR B 174 -19.38 13.28 0.45
C TYR B 174 -19.54 14.76 0.04
N SER B 175 -18.43 15.36 -0.40
CA SER B 175 -18.36 16.61 -1.21
C SER B 175 -18.06 16.28 -2.69
N LEU B 176 -18.62 17.08 -3.59
CA LEU B 176 -18.48 16.96 -5.06
C LEU B 176 -18.18 18.36 -5.60
N SER B 177 -17.19 18.52 -6.47
CA SER B 177 -16.97 19.75 -7.27
C SER B 177 -17.36 19.42 -8.72
N SER B 178 -18.44 20.04 -9.21
CA SER B 178 -18.83 20.09 -10.64
C SER B 178 -18.21 21.35 -11.27
N THR B 179 -17.42 21.18 -12.33
CA THR B 179 -16.70 22.30 -13.01
C THR B 179 -17.28 22.48 -14.43
N LEU B 180 -17.48 23.74 -14.81
CA LEU B 180 -18.05 24.13 -16.13
C LEU B 180 -17.04 25.05 -16.84
N THR B 181 -16.63 24.63 -18.05
CA THR B 181 -15.57 25.26 -18.88
C THR B 181 -16.18 25.94 -20.10
N LEU B 182 -15.90 27.24 -20.23
CA LEU B 182 -16.28 28.07 -21.39
C LEU B 182 -15.06 28.83 -21.91
N SER B 183 -15.07 29.23 -23.18
CA SER B 183 -14.19 30.30 -23.72
C SER B 183 -14.55 31.63 -23.03
N LYS B 184 -13.55 32.44 -22.68
CA LYS B 184 -13.76 33.84 -22.25
C LYS B 184 -14.87 34.45 -23.14
N ALA B 185 -14.80 34.22 -24.45
CA ALA B 185 -15.78 34.71 -25.45
C ALA B 185 -17.19 34.21 -25.18
N ASP B 186 -17.38 32.90 -24.95
CA ASP B 186 -18.71 32.26 -24.79
C ASP B 186 -19.35 32.78 -23.50
N TYR B 187 -18.52 33.28 -22.59
CA TYR B 187 -18.86 33.67 -21.19
C TYR B 187 -18.88 35.20 -21.00
N GLU B 188 -18.32 35.98 -21.92
CA GLU B 188 -18.53 37.46 -21.97
C GLU B 188 -19.88 37.71 -22.67
N LYS B 189 -20.52 36.68 -23.24
CA LYS B 189 -21.85 36.77 -23.92
C LYS B 189 -22.94 37.01 -22.88
N HIS B 190 -23.14 36.03 -22.01
CA HIS B 190 -24.16 35.98 -20.93
C HIS B 190 -23.46 35.82 -19.58
N LYS B 191 -23.90 36.56 -18.55
CA LYS B 191 -23.27 36.59 -17.19
C LYS B 191 -24.33 36.51 -16.08
N VAL B 192 -25.29 35.59 -16.22
CA VAL B 192 -26.21 35.15 -15.13
C VAL B 192 -25.97 33.64 -14.88
N TYR B 193 -25.86 33.23 -13.61
CA TYR B 193 -25.38 31.89 -13.16
C TYR B 193 -26.46 31.03 -12.50
N ALA B 194 -26.43 29.73 -12.84
CA ALA B 194 -27.30 28.69 -12.26
C ALA B 194 -26.59 27.34 -12.34
N CYS B 195 -25.90 26.97 -11.27
CA CYS B 195 -25.64 25.56 -10.92
C CYS B 195 -26.74 25.14 -9.93
N GLU B 196 -27.80 24.48 -10.41
CA GLU B 196 -28.97 24.07 -9.58
C GLU B 196 -28.88 22.55 -9.34
N VAL B 197 -28.85 22.16 -8.04
CA VAL B 197 -28.42 20.84 -7.49
C VAL B 197 -29.65 19.97 -7.21
N THR B 198 -29.54 18.66 -7.42
CA THR B 198 -30.57 17.64 -7.09
C THR B 198 -29.88 16.31 -6.76
N SER C 22 34.38 -41.19 27.96
CA SER C 22 35.59 -40.38 28.04
C SER C 22 35.19 -38.91 28.25
N ALA C 23 36.10 -38.12 28.84
CA ALA C 23 36.03 -36.65 28.91
C ALA C 23 35.95 -36.10 27.48
N LEU C 24 36.65 -36.78 26.55
CA LEU C 24 36.61 -36.55 25.07
C LEU C 24 35.21 -36.83 24.52
N HIS C 25 34.63 -37.99 24.84
CA HIS C 25 33.34 -38.45 24.25
C HIS C 25 32.21 -37.49 24.68
N TRP C 26 32.19 -37.05 25.95
CA TRP C 26 31.18 -36.10 26.51
C TRP C 26 31.39 -34.72 25.89
N ARG C 27 32.64 -34.27 25.73
CA ARG C 27 32.97 -33.01 25.03
C ARG C 27 32.37 -33.09 23.61
N ALA C 28 32.78 -34.11 22.84
CA ALA C 28 32.36 -34.35 21.44
C ALA C 28 30.82 -34.37 21.32
N ALA C 29 30.13 -35.08 22.23
CA ALA C 29 28.65 -35.11 22.31
C ALA C 29 28.13 -33.67 22.41
N GLY C 30 28.48 -32.92 23.46
CA GLY C 30 27.94 -31.57 23.59
C GLY C 30 28.18 -30.77 22.32
N ALA C 31 29.38 -30.93 21.75
CA ALA C 31 29.79 -30.10 20.60
C ALA C 31 28.88 -30.40 19.42
N ALA C 32 28.60 -31.68 19.19
CA ALA C 32 27.68 -32.09 18.12
C ALA C 32 26.33 -31.42 18.37
N THR C 33 25.77 -31.61 19.56
CA THR C 33 24.49 -30.96 19.93
C THR C 33 24.55 -29.51 19.44
N VAL C 34 25.57 -28.77 19.85
CA VAL C 34 25.66 -27.33 19.47
C VAL C 34 25.61 -27.21 17.94
N LEU C 35 26.53 -27.89 17.26
CA LEU C 35 26.68 -27.78 15.80
C LEU C 35 25.32 -28.06 15.15
N LEU C 36 24.64 -29.09 15.62
CA LEU C 36 23.33 -29.49 15.05
C LEU C 36 22.41 -28.26 15.11
N VAL C 37 22.27 -27.71 16.31
CA VAL C 37 21.44 -26.48 16.50
C VAL C 37 21.90 -25.43 15.48
N ILE C 38 23.21 -25.24 15.34
CA ILE C 38 23.76 -24.26 14.35
C ILE C 38 23.20 -24.62 12.98
N VAL C 39 23.48 -25.85 12.53
CA VAL C 39 23.07 -26.34 11.18
C VAL C 39 21.57 -26.10 11.01
N LEU C 40 20.74 -26.60 11.94
CA LEU C 40 19.28 -26.36 11.90
C LEU C 40 19.05 -24.88 11.55
N LEU C 41 19.71 -23.97 12.26
CA LEU C 41 19.50 -22.52 12.08
C LEU C 41 20.07 -22.06 10.73
N ALA C 42 21.28 -22.45 10.36
CA ALA C 42 21.80 -22.34 8.97
C ALA C 42 20.77 -22.92 8.01
N GLY C 43 20.39 -24.18 8.24
CA GLY C 43 19.36 -24.94 7.50
C GLY C 43 18.22 -24.04 7.16
N SER C 44 17.53 -23.47 8.14
CA SER C 44 16.31 -22.67 7.84
C SER C 44 16.68 -21.47 6.97
N TYR C 45 17.58 -20.59 7.44
CA TYR C 45 17.96 -19.35 6.71
C TYR C 45 18.24 -19.74 5.24
N LEU C 46 19.07 -20.75 5.05
CA LEU C 46 19.56 -21.11 3.70
C LEU C 46 18.42 -21.71 2.87
N ALA C 47 17.69 -22.68 3.40
CA ALA C 47 16.49 -23.23 2.74
C ALA C 47 15.67 -22.06 2.20
N VAL C 48 15.39 -21.04 3.02
CA VAL C 48 14.39 -20.00 2.61
C VAL C 48 15.01 -19.22 1.46
N LEU C 49 16.24 -18.83 1.69
CA LEU C 49 17.14 -18.11 0.74
C LEU C 49 17.25 -18.86 -0.60
N ALA C 50 17.08 -20.18 -0.64
CA ALA C 50 17.34 -21.01 -1.83
C ALA C 50 16.07 -21.36 -2.61
N GLU C 51 14.90 -21.22 -1.97
CA GLU C 51 13.60 -21.72 -2.50
C GLU C 51 12.74 -20.53 -2.88
N ARG C 52 12.97 -19.37 -2.30
CA ARG C 52 12.21 -18.18 -2.74
C ARG C 52 12.67 -17.95 -4.18
N GLY C 53 11.72 -18.03 -5.12
CA GLY C 53 11.95 -17.79 -6.55
C GLY C 53 11.46 -18.97 -7.38
N ALA C 54 11.38 -20.14 -6.76
CA ALA C 54 10.71 -21.34 -7.30
C ALA C 54 9.21 -21.26 -7.02
N PRO C 55 8.38 -21.03 -8.03
CA PRO C 55 6.94 -21.08 -7.85
C PRO C 55 6.53 -22.39 -7.21
N GLY C 56 5.57 -22.34 -6.31
CA GLY C 56 5.03 -23.52 -5.61
C GLY C 56 5.90 -23.96 -4.45
N ALA C 57 7.10 -23.40 -4.26
CA ALA C 57 7.93 -23.68 -3.06
C ALA C 57 7.13 -23.32 -1.78
N GLN C 58 7.22 -24.15 -0.73
CA GLN C 58 6.45 -23.99 0.54
C GLN C 58 7.39 -23.56 1.65
N LEU C 59 8.68 -23.61 1.36
CA LEU C 59 9.83 -23.68 2.30
C LEU C 59 10.50 -22.30 2.27
N ILE C 60 9.68 -21.27 2.52
CA ILE C 60 9.95 -19.87 2.11
C ILE C 60 9.76 -18.90 3.29
N THR C 61 9.51 -19.43 4.50
CA THR C 61 9.46 -18.68 5.77
C THR C 61 10.26 -19.46 6.82
N TYR C 62 11.11 -18.70 7.53
CA TYR C 62 12.18 -19.13 8.48
C TYR C 62 11.63 -20.08 9.53
N PRO C 63 10.47 -19.74 10.14
CA PRO C 63 9.88 -20.59 11.16
C PRO C 63 9.46 -21.95 10.59
N ARG C 64 8.91 -21.99 9.36
CA ARG C 64 8.53 -23.31 8.81
C ARG C 64 9.77 -23.99 8.23
N ALA C 65 10.69 -23.23 7.66
CA ALA C 65 12.04 -23.76 7.33
C ALA C 65 12.60 -24.44 8.58
N LEU C 66 12.28 -24.00 9.80
CA LEU C 66 12.95 -24.53 11.03
C LEU C 66 12.27 -25.81 11.47
N TRP C 67 10.94 -25.86 11.43
CA TRP C 67 10.19 -27.13 11.54
C TRP C 67 10.77 -28.10 10.53
N TRP C 68 10.73 -27.72 9.25
CA TRP C 68 11.29 -28.55 8.17
C TRP C 68 12.68 -29.01 8.58
N SER C 69 13.52 -28.13 9.09
CA SER C 69 14.94 -28.49 9.37
C SER C 69 15.03 -29.65 10.39
N VAL C 70 14.16 -29.68 11.39
CA VAL C 70 14.25 -30.71 12.46
C VAL C 70 13.78 -32.05 11.89
N GLU C 71 12.61 -32.05 11.25
CA GLU C 71 12.02 -33.34 10.81
C GLU C 71 13.00 -33.92 9.80
N THR C 72 13.73 -33.08 9.09
CA THR C 72 14.79 -33.57 8.17
C THR C 72 15.92 -34.20 8.98
N ALA C 73 16.31 -33.56 10.09
CA ALA C 73 17.57 -33.83 10.82
C ALA C 73 17.40 -35.04 11.73
N THR C 74 16.17 -35.36 12.10
CA THR C 74 15.78 -36.57 12.87
C THR C 74 15.34 -37.67 11.90
N THR C 75 15.24 -37.31 10.62
CA THR C 75 14.74 -38.18 9.52
C THR C 75 13.37 -38.74 9.90
N VAL C 76 12.51 -37.92 10.52
CA VAL C 76 11.04 -38.16 10.64
C VAL C 76 10.40 -38.09 9.25
N GLY C 77 10.74 -37.12 8.40
CA GLY C 77 10.01 -36.86 7.13
C GLY C 77 8.54 -37.31 7.12
N TYR C 78 7.68 -36.61 7.86
CA TYR C 78 6.18 -36.60 7.74
C TYR C 78 5.76 -36.15 6.33
N GLY C 79 6.64 -35.50 5.60
CA GLY C 79 6.36 -35.15 4.20
C GLY C 79 5.44 -33.96 4.07
N ASP C 80 5.30 -33.16 5.14
CA ASP C 80 4.46 -31.93 5.04
C ASP C 80 5.20 -30.89 4.19
N LEU C 81 6.54 -31.00 4.11
CA LEU C 81 7.45 -29.93 3.64
C LEU C 81 8.69 -30.54 3.02
N TYR C 82 9.05 -30.04 1.85
CA TYR C 82 10.35 -30.43 1.25
C TYR C 82 10.79 -29.41 0.23
N PRO C 83 12.09 -29.46 -0.12
CA PRO C 83 12.64 -28.49 -1.04
C PRO C 83 12.36 -29.00 -2.45
N VAL C 84 12.26 -28.06 -3.40
CA VAL C 84 12.07 -28.32 -4.85
C VAL C 84 13.26 -27.86 -5.71
N THR C 85 14.30 -27.24 -5.15
CA THR C 85 15.44 -26.65 -5.90
C THR C 85 16.71 -27.41 -5.55
N LEU C 86 17.76 -27.24 -6.37
CA LEU C 86 19.08 -27.87 -6.16
C LEU C 86 19.59 -27.46 -4.78
N TRP C 87 19.70 -26.17 -4.53
CA TRP C 87 20.34 -25.76 -3.26
C TRP C 87 19.40 -26.12 -2.09
N GLY C 88 18.09 -26.11 -2.32
CA GLY C 88 17.16 -26.69 -1.32
C GLY C 88 17.63 -28.08 -0.89
N ARG C 89 17.78 -28.94 -1.88
CA ARG C 89 18.13 -30.37 -1.73
C ARG C 89 19.58 -30.51 -1.27
N CYS C 90 20.51 -29.69 -1.77
CA CYS C 90 21.93 -29.72 -1.32
C CYS C 90 21.98 -29.38 0.16
N VAL C 91 21.22 -28.36 0.55
CA VAL C 91 21.15 -27.93 1.98
C VAL C 91 20.61 -29.08 2.81
N ALA C 92 19.43 -29.59 2.39
CA ALA C 92 18.70 -30.70 3.03
C ALA C 92 19.67 -31.86 3.29
N VAL C 93 20.48 -32.26 2.30
CA VAL C 93 21.52 -33.32 2.45
C VAL C 93 22.44 -32.98 3.62
N VAL C 94 23.01 -31.77 3.60
CA VAL C 94 23.93 -31.39 4.70
C VAL C 94 23.20 -31.65 6.02
N VAL C 95 21.99 -31.10 6.15
CA VAL C 95 21.18 -31.15 7.38
C VAL C 95 20.95 -32.59 7.80
N MET C 96 20.46 -33.44 6.88
CA MET C 96 20.35 -34.92 7.09
C MET C 96 21.67 -35.36 7.70
N VAL C 97 22.76 -35.17 6.96
CA VAL C 97 24.06 -35.83 7.31
C VAL C 97 24.46 -35.41 8.74
N ALA C 98 24.48 -34.11 8.99
CA ALA C 98 24.69 -33.50 10.32
C ALA C 98 23.86 -34.27 11.34
N GLY C 99 22.53 -34.29 11.17
CA GLY C 99 21.56 -34.92 12.09
C GLY C 99 21.96 -36.34 12.47
N ILE C 100 22.09 -37.17 11.44
CA ILE C 100 22.43 -38.61 11.56
C ILE C 100 23.76 -38.76 12.29
N THR C 101 24.77 -37.96 11.93
CA THR C 101 26.10 -37.91 12.62
C THR C 101 25.93 -37.63 14.12
N SER C 102 25.36 -36.47 14.43
CA SER C 102 25.14 -35.94 15.81
C SER C 102 24.53 -36.99 16.74
N PHE C 103 23.43 -37.62 16.34
CA PHE C 103 22.74 -38.66 17.16
C PHE C 103 23.60 -39.93 17.24
N GLY C 104 24.39 -40.26 16.20
CA GLY C 104 25.28 -41.43 16.24
C GLY C 104 26.37 -41.25 17.30
N LEU C 105 27.04 -40.10 17.25
CA LEU C 105 28.12 -39.69 18.20
C LEU C 105 27.61 -39.80 19.65
N VAL C 106 26.39 -39.30 19.91
CA VAL C 106 25.74 -39.42 21.24
C VAL C 106 25.68 -40.92 21.60
N THR C 107 25.17 -41.77 20.72
CA THR C 107 25.00 -43.23 20.98
C THR C 107 26.37 -43.86 21.26
N ALA C 108 27.36 -43.51 20.43
CA ALA C 108 28.78 -43.89 20.62
C ALA C 108 29.25 -43.46 22.03
N ALA C 109 28.94 -42.21 22.43
CA ALA C 109 29.36 -41.60 23.73
C ALA C 109 28.62 -42.25 24.91
N LEU C 110 27.44 -42.82 24.67
CA LEU C 110 26.78 -43.73 25.65
C LEU C 110 27.52 -45.08 25.66
N ALA C 111 27.85 -45.63 24.49
CA ALA C 111 28.57 -46.92 24.35
C ALA C 111 29.91 -46.88 25.10
N THR C 112 30.67 -45.77 25.03
CA THR C 112 32.03 -45.63 25.62
C THR C 112 31.93 -45.59 27.14
N TRP C 113 30.95 -44.84 27.65
CA TRP C 113 30.64 -44.67 29.11
C TRP C 113 30.40 -46.04 29.73
N PHE C 114 29.47 -46.83 29.16
CA PHE C 114 29.07 -48.18 29.63
C PHE C 114 30.27 -49.15 29.59
N VAL C 115 31.02 -49.15 28.47
CA VAL C 115 32.20 -50.03 28.25
C VAL C 115 33.19 -49.72 29.37
N GLY C 116 33.50 -48.44 29.55
CA GLY C 116 34.35 -47.93 30.65
C GLY C 116 33.91 -48.46 31.99
N ARG C 117 32.61 -48.34 32.32
CA ARG C 117 31.99 -48.76 33.61
C ARG C 117 31.98 -50.30 33.77
N GLU C 118 31.99 -51.08 32.67
CA GLU C 118 32.13 -52.58 32.66
C GLU C 118 33.60 -52.98 32.78
N GLN C 119 34.50 -52.20 32.19
CA GLN C 119 35.96 -52.43 32.33
C GLN C 119 36.30 -52.53 33.81
N GLU C 120 36.15 -51.42 34.52
CA GLU C 120 36.54 -51.37 35.95
C GLU C 120 35.76 -52.43 36.74
N ARG C 121 34.51 -52.70 36.36
CA ARG C 121 33.67 -53.67 37.11
C ARG C 121 34.50 -54.91 37.43
N ARG C 122 35.19 -55.46 36.43
CA ARG C 122 36.01 -56.68 36.64
C ARG C 122 37.48 -56.29 36.76
N GLY C 123 37.90 -55.24 36.06
CA GLY C 123 39.31 -54.82 36.07
C GLY C 123 39.84 -54.60 34.66
#